data_4CK0
#
_entry.id   4CK0
#
_cell.length_a   72.820
_cell.length_b   72.820
_cell.length_c   195.670
_cell.angle_alpha   90.00
_cell.angle_beta   90.00
_cell.angle_gamma   120.00
#
_symmetry.space_group_name_H-M   'P 31 2 1'
#
loop_
_entity.id
_entity.type
_entity.pdbx_description
1 polymer 'DIACYLGLYCEROL KINASE'
2 non-polymer '(2R)-2,3-dihydroxypropyl (9Z)-octadec-9-enoate'
3 non-polymer 'ZINC ION'
4 non-polymer 'PHOSPHOMETHYLPHOSPHONIC ACID ADENYLATE ESTER'
5 water water
#
_entity_poly.entity_id   1
_entity_poly.type   'polypeptide(L)'
_entity_poly.pdbx_seq_one_letter_code
;GHHHHHHELANNTTGFTRIIKAAGYSWKGLRAAWINEAAFRQEGVAVLLAVVIACWLDVDACTRVLLISSVMLVMIVELL
NSAIEAVVDRIGSEYHELSGRAKDLGSAAVLIAIIDAVITWCILLWSHFG
;
_entity_poly.pdbx_strand_id   A,B,C
#
loop_
_chem_comp.id
_chem_comp.type
_chem_comp.name
_chem_comp.formula
ACP non-polymer 'PHOSPHOMETHYLPHOSPHONIC ACID ADENYLATE ESTER' 'C11 H18 N5 O12 P3'
OLC non-polymer '(2R)-2,3-dihydroxypropyl (9Z)-octadec-9-enoate' 'C21 H40 O4'
ZN non-polymer 'ZINC ION' 'Zn 2'
#
# COMPACT_ATOMS: atom_id res chain seq x y z
N PHE A 16 -11.69 -19.63 13.86
CA PHE A 16 -11.85 -19.72 12.42
C PHE A 16 -13.16 -19.11 11.95
N THR A 17 -14.00 -18.71 12.90
CA THR A 17 -15.29 -18.11 12.58
C THR A 17 -15.15 -16.66 12.12
N ARG A 18 -14.16 -15.96 12.68
CA ARG A 18 -13.88 -14.58 12.29
C ARG A 18 -13.35 -14.53 10.87
N ILE A 19 -12.48 -15.48 10.54
CA ILE A 19 -11.85 -15.57 9.23
C ILE A 19 -12.89 -15.66 8.10
N ILE A 20 -13.88 -16.53 8.29
CA ILE A 20 -14.92 -16.73 7.29
C ILE A 20 -15.75 -15.45 7.10
N LYS A 21 -15.89 -14.67 8.16
CA LYS A 21 -16.63 -13.42 8.09
C LYS A 21 -15.80 -12.32 7.44
N ALA A 22 -14.51 -12.26 7.79
CA ALA A 22 -13.60 -11.28 7.22
C ALA A 22 -13.41 -11.51 5.73
N ALA A 23 -13.33 -12.78 5.34
CA ALA A 23 -13.19 -13.15 3.93
C ALA A 23 -14.46 -12.80 3.15
N GLY A 24 -15.61 -12.99 3.79
CA GLY A 24 -16.89 -12.64 3.20
C GLY A 24 -17.00 -11.15 2.95
N TYR A 25 -16.46 -10.37 3.88
CA TYR A 25 -16.37 -8.93 3.71
C TYR A 25 -15.48 -8.58 2.53
N SER A 26 -14.34 -9.27 2.44
CA SER A 26 -13.38 -9.05 1.37
C SER A 26 -13.98 -9.41 0.01
N TRP A 27 -14.72 -10.51 -0.03
CA TRP A 27 -15.40 -10.93 -1.26
C TRP A 27 -16.53 -9.97 -1.61
N LYS A 28 -17.24 -9.50 -0.59
CA LYS A 28 -18.29 -8.51 -0.77
C LYS A 28 -17.69 -7.22 -1.31
N GLY A 29 -16.46 -6.93 -0.88
CA GLY A 29 -15.76 -5.75 -1.34
C GLY A 29 -15.23 -5.88 -2.76
N LEU A 30 -14.81 -7.09 -3.12
CA LEU A 30 -14.31 -7.35 -4.46
C LEU A 30 -15.46 -7.41 -5.46
N ARG A 31 -16.54 -8.07 -5.06
CA ARG A 31 -17.73 -8.19 -5.88
C ARG A 31 -18.33 -6.82 -6.17
N ALA A 32 -18.19 -5.92 -5.19
CA ALA A 32 -18.69 -4.56 -5.33
C ALA A 32 -17.80 -3.73 -6.24
N ALA A 33 -16.49 -3.82 -6.03
CA ALA A 33 -15.52 -3.06 -6.82
C ALA A 33 -15.58 -3.45 -8.29
N TRP A 34 -15.84 -4.72 -8.55
CA TRP A 34 -15.91 -5.22 -9.92
C TRP A 34 -17.10 -4.65 -10.67
N ILE A 35 -18.25 -4.56 -10.00
CA ILE A 35 -19.47 -4.06 -10.63
C ILE A 35 -19.49 -2.52 -10.68
N ASN A 36 -19.08 -1.89 -9.59
CA ASN A 36 -19.15 -0.43 -9.49
C ASN A 36 -18.16 0.32 -10.38
N GLU A 37 -16.87 -0.02 -10.28
CA GLU A 37 -15.85 0.66 -11.08
C GLU A 37 -15.35 -0.19 -12.25
N ALA A 38 -15.18 0.47 -13.40
CA ALA A 38 -14.69 -0.20 -14.59
C ALA A 38 -13.16 -0.24 -14.59
N ALA A 39 -12.55 0.68 -13.83
CA ALA A 39 -11.11 0.72 -13.71
C ALA A 39 -10.58 -0.55 -13.05
N PHE A 40 -11.33 -1.03 -12.06
CA PHE A 40 -10.97 -2.25 -11.35
C PHE A 40 -11.10 -3.48 -12.25
N ARG A 41 -12.12 -3.47 -13.10
CA ARG A 41 -12.32 -4.54 -14.07
C ARG A 41 -11.11 -4.61 -15.02
N GLN A 42 -10.62 -3.45 -15.42
CA GLN A 42 -9.44 -3.38 -16.26
C GLN A 42 -8.22 -3.96 -15.57
N GLU A 43 -7.97 -3.48 -14.35
CA GLU A 43 -6.84 -3.94 -13.56
C GLU A 43 -6.96 -5.43 -13.22
N GLY A 44 -8.19 -5.89 -13.03
CA GLY A 44 -8.45 -7.29 -12.79
C GLY A 44 -8.03 -8.15 -13.98
N VAL A 45 -8.34 -7.66 -15.18
CA VAL A 45 -7.92 -8.32 -16.41
C VAL A 45 -6.41 -8.33 -16.52
N ALA A 46 -5.80 -7.19 -16.19
CA ALA A 46 -4.35 -7.03 -16.28
C ALA A 46 -3.60 -8.03 -15.39
N VAL A 47 -4.17 -8.33 -14.23
CA VAL A 47 -3.55 -9.25 -13.28
C VAL A 47 -3.41 -10.66 -13.86
N LEU A 48 -4.53 -11.22 -14.32
CA LEU A 48 -4.52 -12.54 -14.93
C LEU A 48 -3.62 -12.54 -16.17
N LEU A 49 -3.62 -11.42 -16.89
CA LEU A 49 -2.77 -11.25 -18.06
C LEU A 49 -1.31 -11.27 -17.64
N ALA A 50 -1.00 -10.50 -16.60
CA ALA A 50 0.37 -10.43 -16.08
C ALA A 50 0.85 -11.78 -15.58
N VAL A 51 -0.02 -12.49 -14.86
CA VAL A 51 0.30 -13.81 -14.35
C VAL A 51 0.57 -14.78 -15.50
N VAL A 52 -0.31 -14.78 -16.50
CA VAL A 52 -0.14 -15.61 -17.69
C VAL A 52 1.16 -15.26 -18.42
N ILE A 53 1.39 -13.98 -18.64
CA ILE A 53 2.61 -13.51 -19.31
C ILE A 53 3.87 -13.88 -18.54
N ALA A 54 3.82 -13.73 -17.21
CA ALA A 54 4.96 -14.07 -16.36
C ALA A 54 5.27 -15.56 -16.41
N CYS A 55 4.23 -16.38 -16.46
CA CYS A 55 4.39 -17.83 -16.48
C CYS A 55 4.72 -18.35 -17.87
N TRP A 56 4.10 -17.77 -18.89
CA TRP A 56 4.34 -18.18 -20.27
C TRP A 56 5.79 -17.92 -20.67
N LEU A 57 6.31 -16.77 -20.30
CA LEU A 57 7.71 -16.44 -20.53
C LEU A 57 8.59 -17.32 -19.65
N ASP A 58 9.79 -17.62 -20.13
CA ASP A 58 10.75 -18.41 -19.37
C ASP A 58 11.69 -17.50 -18.59
N VAL A 59 11.19 -16.96 -17.47
CA VAL A 59 11.97 -16.04 -16.67
C VAL A 59 12.26 -16.62 -15.29
N ASP A 60 13.25 -16.06 -14.60
CA ASP A 60 13.59 -16.50 -13.26
C ASP A 60 12.53 -16.07 -12.24
N ALA A 61 12.60 -16.66 -11.04
CA ALA A 61 11.57 -16.45 -10.02
C ALA A 61 11.47 -15.01 -9.54
N CYS A 62 12.61 -14.38 -9.27
CA CYS A 62 12.66 -13.01 -8.77
C CYS A 62 11.94 -12.04 -9.70
N THR A 63 12.19 -12.18 -10.99
CA THR A 63 11.56 -11.33 -12.00
C THR A 63 10.07 -11.65 -12.14
N ARG A 64 9.75 -12.93 -12.13
CA ARG A 64 8.35 -13.39 -12.23
C ARG A 64 7.51 -12.83 -11.09
N VAL A 65 8.10 -12.75 -9.91
CA VAL A 65 7.42 -12.16 -8.75
C VAL A 65 7.16 -10.68 -8.96
N LEU A 66 8.21 -9.95 -9.32
CA LEU A 66 8.10 -8.51 -9.53
C LEU A 66 7.13 -8.13 -10.64
N LEU A 67 7.04 -8.96 -11.68
CA LEU A 67 6.11 -8.73 -12.76
C LEU A 67 4.67 -8.80 -12.27
N ILE A 68 4.42 -9.69 -11.31
CA ILE A 68 3.08 -9.89 -10.77
C ILE A 68 2.78 -8.91 -9.63
N SER A 69 3.72 -8.80 -8.68
CA SER A 69 3.55 -7.94 -7.52
C SER A 69 3.27 -6.48 -7.89
N SER A 70 3.92 -6.01 -8.94
CA SER A 70 3.75 -4.63 -9.39
C SER A 70 2.32 -4.36 -9.85
N VAL A 71 1.72 -5.34 -10.52
CA VAL A 71 0.36 -5.22 -11.00
C VAL A 71 -0.64 -5.40 -9.86
N MET A 72 -0.31 -6.31 -8.94
CA MET A 72 -1.13 -6.53 -7.75
C MET A 72 -1.23 -5.26 -6.91
N LEU A 73 -0.12 -4.55 -6.81
CA LEU A 73 -0.06 -3.31 -6.02
C LEU A 73 -1.05 -2.28 -6.53
N VAL A 74 -1.22 -2.23 -7.86
CA VAL A 74 -2.19 -1.33 -8.47
C VAL A 74 -3.61 -1.65 -8.03
N MET A 75 -3.94 -2.94 -7.99
CA MET A 75 -5.26 -3.38 -7.57
C MET A 75 -5.51 -3.09 -6.09
N ILE A 76 -4.47 -3.20 -5.28
CA ILE A 76 -4.56 -2.90 -3.85
C ILE A 76 -4.82 -1.41 -3.63
N VAL A 77 -4.00 -0.58 -4.28
CA VAL A 77 -4.13 0.87 -4.15
C VAL A 77 -5.47 1.37 -4.69
N GLU A 78 -5.97 0.71 -5.73
CA GLU A 78 -7.26 1.05 -6.30
C GLU A 78 -8.38 0.77 -5.30
N LEU A 79 -8.29 -0.36 -4.62
CA LEU A 79 -9.30 -0.74 -3.64
C LEU A 79 -9.32 0.20 -2.44
N LEU A 80 -8.14 0.60 -1.98
CA LEU A 80 -8.05 1.56 -0.89
C LEU A 80 -8.55 2.93 -1.32
N ASN A 81 -8.31 3.27 -2.58
CA ASN A 81 -8.81 4.52 -3.15
C ASN A 81 -10.33 4.52 -3.27
N SER A 82 -10.89 3.41 -3.76
CA SER A 82 -12.33 3.26 -3.86
C SER A 82 -12.99 3.28 -2.49
N ALA A 83 -12.24 2.85 -1.48
CA ALA A 83 -12.72 2.88 -0.10
C ALA A 83 -12.79 4.32 0.41
N ILE A 84 -11.79 5.11 0.06
CA ILE A 84 -11.77 6.52 0.40
C ILE A 84 -12.86 7.26 -0.36
N GLU A 85 -13.04 6.92 -1.63
CA GLU A 85 -14.08 7.51 -2.45
C GLU A 85 -15.46 7.22 -1.90
N ALA A 86 -15.64 6.04 -1.30
CA ALA A 86 -16.92 5.66 -0.70
C ALA A 86 -17.22 6.48 0.55
N VAL A 87 -16.19 6.75 1.34
CA VAL A 87 -16.34 7.55 2.54
C VAL A 87 -16.73 8.99 2.22
N VAL A 88 -16.07 9.55 1.20
CA VAL A 88 -16.35 10.90 0.75
C VAL A 88 -17.79 11.05 0.29
N ASP A 89 -18.32 10.01 -0.34
CA ASP A 89 -19.70 10.02 -0.83
C ASP A 89 -20.71 9.97 0.32
N ARG A 90 -20.39 9.21 1.36
CA ARG A 90 -21.23 9.14 2.54
C ARG A 90 -21.29 10.51 3.20
N ILE A 91 -20.14 11.18 3.22
CA ILE A 91 -20.04 12.52 3.77
C ILE A 91 -20.69 13.56 2.85
N GLY A 92 -20.42 13.42 1.55
CA GLY A 92 -20.95 14.32 0.55
C GLY A 92 -22.46 14.37 0.54
N SER A 93 -23.09 13.27 0.95
CA SER A 93 -24.54 13.19 1.03
C SER A 93 -25.08 14.00 2.21
N GLU A 94 -24.29 14.07 3.27
CA GLU A 94 -24.69 14.75 4.50
C GLU A 94 -24.31 16.24 4.49
N TYR A 95 -23.11 16.53 3.99
CA TYR A 95 -22.59 17.90 3.99
C TYR A 95 -23.04 18.70 2.77
N HIS A 96 -23.34 18.00 1.68
CA HIS A 96 -23.62 18.63 0.39
C HIS A 96 -22.45 19.49 -0.08
N GLU A 97 -21.24 18.96 0.11
CA GLU A 97 -20.00 19.61 -0.29
C GLU A 97 -19.20 18.60 -1.10
N LEU A 98 -18.34 19.07 -2.01
CA LEU A 98 -17.63 18.17 -2.91
C LEU A 98 -16.12 18.37 -2.99
N SER A 99 -15.51 18.83 -1.90
CA SER A 99 -14.07 19.09 -1.87
C SER A 99 -13.26 17.85 -2.29
N GLY A 100 -12.46 18.00 -3.34
CA GLY A 100 -11.81 16.88 -3.98
C GLY A 100 -10.42 16.52 -3.50
N ARG A 101 -10.02 17.05 -2.34
CA ARG A 101 -8.71 16.75 -1.77
C ARG A 101 -8.47 15.25 -1.62
N ALA A 102 -9.45 14.56 -1.04
CA ALA A 102 -9.33 13.12 -0.83
C ALA A 102 -9.31 12.33 -2.14
N LYS A 103 -10.30 12.60 -3.00
CA LYS A 103 -10.42 11.87 -4.25
C LYS A 103 -9.23 12.09 -5.19
N ASP A 104 -8.67 13.29 -5.17
CA ASP A 104 -7.51 13.59 -6.01
C ASP A 104 -6.27 12.86 -5.50
N LEU A 105 -6.01 12.98 -4.20
CA LEU A 105 -4.87 12.33 -3.58
C LEU A 105 -4.95 10.81 -3.72
N GLY A 106 -6.18 10.29 -3.69
CA GLY A 106 -6.39 8.87 -3.87
C GLY A 106 -6.03 8.42 -5.27
N SER A 107 -6.48 9.18 -6.27
CA SER A 107 -6.16 8.86 -7.66
C SER A 107 -4.70 9.13 -7.98
N ALA A 108 -4.10 10.08 -7.28
CA ALA A 108 -2.68 10.37 -7.43
C ALA A 108 -1.86 9.17 -6.98
N ALA A 109 -2.34 8.50 -5.94
CA ALA A 109 -1.68 7.31 -5.42
C ALA A 109 -1.71 6.18 -6.43
N VAL A 110 -2.86 5.99 -7.06
CA VAL A 110 -3.03 4.94 -8.07
C VAL A 110 -2.14 5.22 -9.28
N LEU A 111 -1.97 6.49 -9.60
CA LEU A 111 -1.11 6.90 -10.70
C LEU A 111 0.34 6.46 -10.46
N ILE A 112 0.86 6.81 -9.28
CA ILE A 112 2.22 6.47 -8.90
C ILE A 112 2.41 4.95 -8.90
N ALA A 113 1.36 4.23 -8.52
CA ALA A 113 1.38 2.77 -8.54
C ALA A 113 1.53 2.24 -9.95
N ILE A 114 0.73 2.79 -10.87
CA ILE A 114 0.76 2.39 -12.28
C ILE A 114 2.11 2.73 -12.93
N ILE A 115 2.62 3.92 -12.63
CA ILE A 115 3.94 4.33 -13.08
C ILE A 115 4.99 3.33 -12.62
N ASP A 116 4.89 2.91 -11.37
CA ASP A 116 5.80 1.92 -10.80
C ASP A 116 5.72 0.59 -11.54
N ALA A 117 4.51 0.20 -11.90
CA ALA A 117 4.28 -1.06 -12.61
C ALA A 117 4.89 -1.03 -14.01
N VAL A 118 4.85 0.14 -14.64
CA VAL A 118 5.40 0.31 -15.98
C VAL A 118 6.93 0.26 -15.95
N ILE A 119 7.51 0.97 -14.99
CA ILE A 119 8.96 0.98 -14.80
C ILE A 119 9.47 -0.43 -14.52
N THR A 120 8.75 -1.16 -13.67
CA THR A 120 9.10 -2.53 -13.33
C THR A 120 9.10 -3.43 -14.57
N TRP A 121 8.00 -3.39 -15.32
CA TRP A 121 7.87 -4.20 -16.53
C TRP A 121 8.88 -3.81 -17.61
N CYS A 122 9.24 -2.54 -17.66
CA CYS A 122 10.24 -2.09 -18.62
C CYS A 122 11.63 -2.60 -18.26
N ILE A 123 12.15 -2.16 -17.11
CA ILE A 123 13.47 -2.54 -16.64
C ILE A 123 13.71 -4.06 -16.66
N LEU A 124 12.71 -4.82 -16.21
CA LEU A 124 12.83 -6.28 -16.18
C LEU A 124 12.84 -6.91 -17.56
N LEU A 125 11.85 -6.57 -18.39
CA LEU A 125 11.74 -7.17 -19.72
C LEU A 125 12.81 -6.65 -20.68
N TRP A 126 13.27 -5.42 -20.47
CA TRP A 126 14.37 -4.87 -21.26
C TRP A 126 15.65 -5.65 -21.00
N SER A 127 15.79 -6.15 -19.77
CA SER A 127 16.96 -6.93 -19.39
C SER A 127 16.88 -8.35 -19.94
N HIS A 128 15.70 -8.95 -19.83
CA HIS A 128 15.49 -10.33 -20.26
C HIS A 128 15.66 -10.51 -21.77
N PHE A 129 15.37 -9.45 -22.52
CA PHE A 129 15.47 -9.52 -23.98
C PHE A 129 16.67 -8.73 -24.50
N PHE B 16 13.12 20.18 10.66
CA PHE B 16 13.95 19.08 11.16
C PHE B 16 13.31 18.42 12.38
N THR B 17 12.70 19.23 13.24
CA THR B 17 12.04 18.72 14.44
C THR B 17 10.68 18.12 14.11
N ARG B 18 10.23 18.31 12.87
CA ARG B 18 8.96 17.77 12.40
C ARG B 18 9.06 16.25 12.32
N ILE B 19 10.28 15.73 12.28
CA ILE B 19 10.50 14.29 12.21
C ILE B 19 10.13 13.60 13.53
N ILE B 20 10.61 14.16 14.63
CA ILE B 20 10.30 13.62 15.96
C ILE B 20 8.81 13.69 16.23
N LYS B 21 8.20 14.78 15.77
CA LYS B 21 6.76 14.98 15.90
C LYS B 21 5.97 13.91 15.13
N ALA B 22 6.40 13.64 13.90
CA ALA B 22 5.72 12.66 13.05
C ALA B 22 6.04 11.22 13.48
N ALA B 23 7.18 11.05 14.15
CA ALA B 23 7.59 9.74 14.64
C ALA B 23 6.69 9.29 15.79
N GLY B 24 6.42 10.22 16.69
CA GLY B 24 5.53 9.95 17.82
C GLY B 24 4.13 9.59 17.38
N TYR B 25 3.64 10.30 16.35
CA TYR B 25 2.33 10.02 15.79
C TYR B 25 2.27 8.61 15.20
N SER B 26 3.35 8.22 14.54
CA SER B 26 3.44 6.90 13.94
C SER B 26 3.45 5.82 15.01
N TRP B 27 4.26 6.03 16.05
CA TRP B 27 4.33 5.10 17.16
C TRP B 27 3.00 5.01 17.91
N LYS B 28 2.33 6.16 18.03
CA LYS B 28 1.03 6.22 18.69
C LYS B 28 -0.01 5.49 17.86
N GLY B 29 0.17 5.49 16.55
CA GLY B 29 -0.74 4.80 15.65
C GLY B 29 -0.52 3.31 15.63
N LEU B 30 0.72 2.88 15.88
CA LEU B 30 1.05 1.47 15.96
C LEU B 30 0.39 0.82 17.18
N ARG B 31 0.51 1.50 18.32
CA ARG B 31 -0.11 1.05 19.55
C ARG B 31 -1.64 0.99 19.39
N ALA B 32 -2.19 2.05 18.81
CA ALA B 32 -3.62 2.12 18.55
C ALA B 32 -4.09 0.98 17.66
N ALA B 33 -3.30 0.68 16.64
CA ALA B 33 -3.58 -0.45 15.75
C ALA B 33 -3.54 -1.76 16.53
N TRP B 34 -2.49 -1.92 17.32
CA TRP B 34 -2.28 -3.13 18.09
C TRP B 34 -3.35 -3.32 19.17
N ILE B 35 -3.63 -2.25 19.91
CA ILE B 35 -4.60 -2.31 21.00
C ILE B 35 -6.02 -2.56 20.49
N ASN B 36 -6.41 -1.86 19.44
CA ASN B 36 -7.79 -1.92 18.94
C ASN B 36 -8.05 -3.03 17.92
N GLU B 37 -7.30 -3.02 16.81
CA GLU B 37 -7.53 -3.97 15.73
C GLU B 37 -6.99 -5.36 16.04
N ALA B 38 -7.87 -6.35 16.00
CA ALA B 38 -7.48 -7.73 16.26
C ALA B 38 -6.79 -8.34 15.05
N ALA B 39 -7.24 -7.96 13.85
CA ALA B 39 -6.64 -8.44 12.62
C ALA B 39 -5.20 -7.98 12.50
N PHE B 40 -4.90 -6.82 13.07
CA PHE B 40 -3.53 -6.28 13.06
C PHE B 40 -2.60 -7.14 13.92
N ARG B 41 -3.12 -7.62 15.05
CA ARG B 41 -2.31 -8.42 15.97
C ARG B 41 -1.94 -9.78 15.38
N GLN B 42 -2.93 -10.47 14.82
CA GLN B 42 -2.71 -11.80 14.25
C GLN B 42 -1.81 -11.74 13.02
N GLU B 43 -2.10 -10.79 12.13
CA GLU B 43 -1.31 -10.62 10.93
C GLU B 43 0.12 -10.19 11.27
N GLY B 44 0.25 -9.31 12.26
CA GLY B 44 1.55 -8.86 12.71
C GLY B 44 2.41 -10.00 13.24
N VAL B 45 1.75 -10.97 13.86
CA VAL B 45 2.44 -12.16 14.36
C VAL B 45 2.99 -13.00 13.20
N ALA B 46 2.12 -13.31 12.25
CA ALA B 46 2.51 -14.09 11.08
C ALA B 46 3.51 -13.33 10.22
N VAL B 47 3.44 -12.01 10.27
CA VAL B 47 4.37 -11.15 9.54
C VAL B 47 5.74 -11.13 10.21
N LEU B 48 5.76 -10.90 11.52
CA LEU B 48 7.02 -10.84 12.26
C LEU B 48 7.74 -12.19 12.23
N LEU B 49 6.96 -13.27 12.15
CA LEU B 49 7.52 -14.61 12.01
C LEU B 49 8.18 -14.77 10.64
N ALA B 50 7.49 -14.29 9.60
CA ALA B 50 7.99 -14.42 8.23
C ALA B 50 9.24 -13.58 8.00
N VAL B 51 9.28 -12.39 8.61
CA VAL B 51 10.43 -11.50 8.49
C VAL B 51 11.69 -12.15 9.06
N VAL B 52 11.54 -12.78 10.23
CA VAL B 52 12.66 -13.46 10.88
C VAL B 52 13.20 -14.62 10.04
N ILE B 53 12.29 -15.45 9.53
CA ILE B 53 12.67 -16.58 8.69
C ILE B 53 13.43 -16.13 7.45
N ALA B 54 12.93 -15.09 6.80
CA ALA B 54 13.56 -14.55 5.59
C ALA B 54 14.96 -14.03 5.87
N CYS B 55 15.21 -13.62 7.11
CA CYS B 55 16.53 -13.11 7.50
C CYS B 55 17.51 -14.24 7.76
N TRP B 56 17.01 -15.47 7.84
CA TRP B 56 17.86 -16.62 8.13
C TRP B 56 17.67 -17.75 7.13
N LEU B 57 17.51 -17.40 5.86
CA LEU B 57 17.43 -18.38 4.79
C LEU B 57 18.69 -18.31 3.93
N ASP B 58 18.97 -19.39 3.20
CA ASP B 58 20.08 -19.40 2.25
C ASP B 58 19.60 -18.92 0.89
N VAL B 59 19.44 -17.61 0.76
CA VAL B 59 18.96 -17.02 -0.48
C VAL B 59 19.72 -15.74 -0.80
N ASP B 60 19.53 -15.22 -2.01
CA ASP B 60 20.16 -13.98 -2.43
C ASP B 60 19.40 -12.76 -1.90
N ALA B 61 20.01 -11.59 -2.03
CA ALA B 61 19.43 -10.36 -1.52
C ALA B 61 18.09 -10.03 -2.18
N CYS B 62 18.02 -10.25 -3.49
CA CYS B 62 16.81 -9.99 -4.25
C CYS B 62 15.65 -10.85 -3.75
N THR B 63 15.96 -12.09 -3.38
CA THR B 63 14.94 -13.01 -2.86
C THR B 63 14.59 -12.66 -1.42
N ARG B 64 15.60 -12.35 -0.61
CA ARG B 64 15.39 -11.98 0.78
C ARG B 64 14.50 -10.76 0.90
N VAL B 65 14.78 -9.74 0.08
CA VAL B 65 13.99 -8.52 0.06
C VAL B 65 12.55 -8.79 -0.38
N LEU B 66 12.41 -9.56 -1.45
CA LEU B 66 11.09 -9.91 -1.99
C LEU B 66 10.22 -10.65 -0.97
N LEU B 67 10.84 -11.48 -0.14
CA LEU B 67 10.13 -12.20 0.90
C LEU B 67 9.67 -11.27 2.02
N ILE B 68 10.57 -10.38 2.44
CA ILE B 68 10.28 -9.44 3.51
C ILE B 68 9.24 -8.38 3.11
N SER B 69 9.47 -7.74 1.97
CA SER B 69 8.63 -6.63 1.53
C SER B 69 7.19 -7.04 1.24
N SER B 70 7.01 -8.20 0.63
CA SER B 70 5.68 -8.71 0.32
C SER B 70 4.88 -8.93 1.59
N VAL B 71 5.60 -9.28 2.66
CA VAL B 71 5.00 -9.53 3.96
C VAL B 71 4.76 -8.23 4.72
N MET B 72 5.69 -7.29 4.63
CA MET B 72 5.53 -5.99 5.26
C MET B 72 4.46 -5.15 4.58
N LEU B 73 4.13 -5.48 3.32
CA LEU B 73 3.08 -4.79 2.61
C LEU B 73 1.72 -5.10 3.24
N VAL B 74 1.57 -6.32 3.74
CA VAL B 74 0.35 -6.73 4.42
C VAL B 74 0.10 -5.85 5.65
N MET B 75 1.16 -5.46 6.33
CA MET B 75 1.06 -4.59 7.49
C MET B 75 0.72 -3.15 7.09
N ILE B 76 1.31 -2.69 5.99
CA ILE B 76 1.06 -1.34 5.50
C ILE B 76 -0.39 -1.19 5.06
N VAL B 77 -0.91 -2.18 4.35
CA VAL B 77 -2.30 -2.17 3.90
C VAL B 77 -3.26 -2.29 5.08
N GLU B 78 -2.92 -3.15 6.03
CA GLU B 78 -3.75 -3.34 7.22
C GLU B 78 -3.80 -2.06 8.07
N LEU B 79 -2.71 -1.32 8.10
CA LEU B 79 -2.66 -0.05 8.81
C LEU B 79 -3.53 1.00 8.14
N LEU B 80 -3.51 1.01 6.81
CA LEU B 80 -4.33 1.94 6.04
C LEU B 80 -5.80 1.54 6.08
N ASN B 81 -6.04 0.25 6.15
CA ASN B 81 -7.41 -0.28 6.29
C ASN B 81 -8.00 0.14 7.63
N SER B 82 -7.18 0.12 8.67
CA SER B 82 -7.61 0.50 10.00
C SER B 82 -7.88 2.00 10.08
N ALA B 83 -7.10 2.78 9.35
CA ALA B 83 -7.28 4.23 9.31
C ALA B 83 -8.61 4.57 8.64
N ILE B 84 -8.93 3.84 7.58
CA ILE B 84 -10.20 4.01 6.88
C ILE B 84 -11.37 3.62 7.78
N GLU B 85 -11.22 2.52 8.50
CA GLU B 85 -12.26 2.07 9.44
C GLU B 85 -12.48 3.08 10.56
N ALA B 86 -11.40 3.67 11.06
CA ALA B 86 -11.48 4.68 12.09
C ALA B 86 -12.22 5.92 11.58
N VAL B 87 -12.07 6.19 10.30
CA VAL B 87 -12.78 7.29 9.66
C VAL B 87 -14.27 6.98 9.57
N VAL B 88 -14.59 5.75 9.18
CA VAL B 88 -15.98 5.30 9.10
C VAL B 88 -16.66 5.34 10.46
N ASP B 89 -15.92 4.94 11.50
CA ASP B 89 -16.44 4.99 12.86
C ASP B 89 -16.71 6.43 13.31
N ARG B 90 -15.85 7.34 12.87
CA ARG B 90 -16.01 8.76 13.15
C ARG B 90 -17.32 9.26 12.55
N ILE B 91 -17.60 8.81 11.33
CA ILE B 91 -18.84 9.12 10.64
C ILE B 91 -20.02 8.49 11.37
N GLY B 92 -19.84 7.24 11.77
CA GLY B 92 -20.89 6.48 12.44
C GLY B 92 -21.35 7.05 13.76
N SER B 93 -20.50 7.86 14.39
CA SER B 93 -20.85 8.48 15.66
C SER B 93 -21.80 9.66 15.46
N GLU B 94 -21.78 10.24 14.26
CA GLU B 94 -22.62 11.38 13.95
C GLU B 94 -23.78 11.01 13.03
N TYR B 95 -23.59 9.96 12.24
CA TYR B 95 -24.62 9.51 11.30
C TYR B 95 -25.08 8.09 11.64
N HIS B 96 -26.31 7.76 11.28
CA HIS B 96 -26.93 6.52 11.73
C HIS B 96 -26.74 5.35 10.77
N GLU B 97 -26.92 5.60 9.47
CA GLU B 97 -26.85 4.53 8.47
C GLU B 97 -25.42 4.29 7.99
N LEU B 98 -24.97 3.04 8.06
CA LEU B 98 -23.66 2.67 7.55
C LEU B 98 -23.75 1.48 6.58
N SER B 99 -23.47 1.74 5.31
CA SER B 99 -23.53 0.71 4.28
C SER B 99 -22.42 -0.32 4.46
N GLY B 100 -21.29 0.12 5.01
CA GLY B 100 -20.16 -0.76 5.24
C GLY B 100 -19.37 -1.06 3.99
N ARG B 101 -19.72 -0.39 2.89
CA ARG B 101 -19.06 -0.58 1.61
C ARG B 101 -17.58 -0.18 1.66
N ALA B 102 -17.29 0.86 2.44
CA ALA B 102 -15.92 1.34 2.56
C ALA B 102 -15.04 0.36 3.33
N LYS B 103 -15.61 -0.30 4.34
CA LYS B 103 -14.88 -1.28 5.13
C LYS B 103 -14.70 -2.57 4.35
N ASP B 104 -15.63 -2.87 3.45
CA ASP B 104 -15.53 -4.04 2.60
C ASP B 104 -14.36 -3.90 1.63
N LEU B 105 -14.22 -2.72 1.06
CA LEU B 105 -13.14 -2.43 0.12
C LEU B 105 -11.79 -2.50 0.81
N GLY B 106 -11.74 -2.03 2.05
CA GLY B 106 -10.52 -2.08 2.84
C GLY B 106 -10.16 -3.52 3.18
N SER B 107 -11.18 -4.32 3.49
CA SER B 107 -10.97 -5.74 3.77
C SER B 107 -10.55 -6.50 2.52
N ALA B 108 -11.02 -6.03 1.36
CA ALA B 108 -10.64 -6.64 0.09
C ALA B 108 -9.17 -6.34 -0.22
N ALA B 109 -8.76 -5.11 0.09
CA ALA B 109 -7.39 -4.67 -0.17
C ALA B 109 -6.38 -5.48 0.64
N VAL B 110 -6.74 -5.80 1.88
CA VAL B 110 -5.88 -6.60 2.75
C VAL B 110 -5.78 -8.03 2.23
N LEU B 111 -6.90 -8.56 1.72
CA LEU B 111 -6.92 -9.92 1.17
C LEU B 111 -5.97 -10.05 -0.03
N ILE B 112 -6.05 -9.09 -0.95
CA ILE B 112 -5.21 -9.11 -2.14
C ILE B 112 -3.73 -9.02 -1.76
N ALA B 113 -3.45 -8.24 -0.71
CA ALA B 113 -2.09 -8.08 -0.22
C ALA B 113 -1.58 -9.39 0.40
N ILE B 114 -2.48 -10.10 1.06
CA ILE B 114 -2.14 -11.38 1.68
C ILE B 114 -1.94 -12.47 0.62
N ILE B 115 -2.87 -12.55 -0.32
CA ILE B 115 -2.77 -13.49 -1.43
C ILE B 115 -1.46 -13.26 -2.21
N ASP B 116 -1.12 -11.99 -2.42
CA ASP B 116 0.12 -11.63 -3.07
C ASP B 116 1.33 -12.16 -2.31
N ALA B 117 1.31 -12.00 -0.99
CA ALA B 117 2.39 -12.47 -0.14
C ALA B 117 2.51 -13.98 -0.18
N VAL B 118 1.38 -14.66 -0.26
CA VAL B 118 1.36 -16.12 -0.38
C VAL B 118 2.00 -16.55 -1.71
N ILE B 119 1.62 -15.88 -2.78
CA ILE B 119 2.16 -16.17 -4.12
C ILE B 119 3.67 -15.94 -4.17
N THR B 120 4.11 -14.78 -3.69
CA THR B 120 5.53 -14.44 -3.67
C THR B 120 6.35 -15.51 -2.96
N TRP B 121 5.86 -15.94 -1.80
CA TRP B 121 6.58 -16.95 -1.01
C TRP B 121 6.56 -18.32 -1.68
N CYS B 122 5.41 -18.73 -2.21
CA CYS B 122 5.31 -20.01 -2.90
C CYS B 122 6.23 -20.08 -4.12
N ILE B 123 6.21 -19.03 -4.93
CA ILE B 123 7.03 -18.96 -6.14
C ILE B 123 8.52 -18.97 -5.83
N LEU B 124 8.94 -18.15 -4.87
CA LEU B 124 10.36 -18.04 -4.52
C LEU B 124 10.89 -19.30 -3.82
N LEU B 125 10.07 -19.91 -2.97
CA LEU B 125 10.50 -21.12 -2.26
C LEU B 125 10.53 -22.34 -3.18
N TRP B 126 9.80 -22.26 -4.29
CA TRP B 126 9.78 -23.35 -5.26
C TRP B 126 11.06 -23.35 -6.09
N SER B 127 11.90 -22.35 -5.85
CA SER B 127 13.24 -22.30 -6.44
C SER B 127 14.23 -22.80 -5.39
N HIS B 128 13.90 -22.57 -4.12
CA HIS B 128 14.68 -23.06 -3.00
C HIS B 128 14.64 -24.58 -3.00
N PHE B 129 13.53 -25.14 -3.47
CA PHE B 129 13.37 -26.58 -3.61
C PHE B 129 14.02 -27.07 -4.90
N TYR C 25 -8.06 15.16 -11.13
CA TYR C 25 -7.84 14.02 -10.23
C TYR C 25 -6.36 13.77 -9.96
N SER C 26 -5.76 12.88 -10.76
CA SER C 26 -4.41 12.41 -10.53
C SER C 26 -3.36 13.51 -10.41
N TRP C 27 -3.23 14.33 -11.46
CA TRP C 27 -2.23 15.40 -11.46
C TRP C 27 -2.59 16.50 -10.48
N LYS C 28 -3.89 16.75 -10.35
CA LYS C 28 -4.39 17.76 -9.41
C LYS C 28 -4.02 17.35 -7.98
N GLY C 29 -3.99 16.05 -7.74
CA GLY C 29 -3.62 15.51 -6.44
C GLY C 29 -2.12 15.55 -6.21
N LEU C 30 -1.35 15.32 -7.26
CA LEU C 30 0.10 15.39 -7.17
C LEU C 30 0.56 16.84 -7.02
N ARG C 31 -0.16 17.74 -7.68
CA ARG C 31 0.13 19.16 -7.60
C ARG C 31 -0.15 19.70 -6.21
N ALA C 32 -1.27 19.27 -5.63
CA ALA C 32 -1.68 19.71 -4.30
C ALA C 32 -0.79 19.10 -3.21
N ALA C 33 -0.31 17.88 -3.46
CA ALA C 33 0.55 17.20 -2.51
C ALA C 33 1.94 17.81 -2.47
N TRP C 34 2.42 18.22 -3.63
CA TRP C 34 3.75 18.82 -3.75
C TRP C 34 3.77 20.24 -3.18
N ILE C 35 2.75 21.02 -3.50
CA ILE C 35 2.62 22.38 -2.95
C ILE C 35 2.37 22.48 -1.44
N ASN C 36 1.49 21.64 -0.90
CA ASN C 36 1.07 21.77 0.50
C ASN C 36 1.79 20.89 1.53
N GLU C 37 1.95 19.62 1.19
CA GLU C 37 2.66 18.67 2.05
C GLU C 37 4.17 18.75 1.80
N ALA C 38 4.94 18.81 2.88
CA ALA C 38 6.39 18.99 2.78
C ALA C 38 7.13 17.65 2.74
N ALA C 39 6.63 16.67 3.50
CA ALA C 39 7.22 15.34 3.53
C ALA C 39 7.12 14.68 2.17
N PHE C 40 6.09 15.04 1.41
CA PHE C 40 5.89 14.52 0.07
C PHE C 40 7.00 14.99 -0.87
N ARG C 41 7.49 16.20 -0.63
CA ARG C 41 8.58 16.75 -1.44
C ARG C 41 9.91 16.10 -1.11
N GLN C 42 10.04 15.62 0.12
CA GLN C 42 11.27 14.96 0.55
C GLN C 42 11.31 13.52 0.04
N GLU C 43 10.17 13.02 -0.39
CA GLU C 43 10.09 11.71 -1.01
C GLU C 43 10.23 11.84 -2.52
N GLY C 44 9.69 12.94 -3.06
CA GLY C 44 9.81 13.23 -4.48
C GLY C 44 11.26 13.39 -4.88
N VAL C 45 12.03 14.05 -4.01
CA VAL C 45 13.46 14.17 -4.21
C VAL C 45 14.12 12.80 -4.05
N ALA C 46 13.70 12.07 -3.02
CA ALA C 46 14.23 10.75 -2.73
C ALA C 46 13.96 9.78 -3.88
N VAL C 47 12.79 9.89 -4.50
CA VAL C 47 12.44 9.06 -5.65
C VAL C 47 13.40 9.29 -6.81
N LEU C 48 13.64 10.56 -7.13
CA LEU C 48 14.58 10.92 -8.18
C LEU C 48 15.98 10.42 -7.85
N LEU C 49 16.41 10.62 -6.60
CA LEU C 49 17.70 10.13 -6.14
C LEU C 49 17.75 8.61 -6.21
N ALA C 50 16.65 7.96 -5.85
CA ALA C 50 16.55 6.51 -5.93
C ALA C 50 16.77 6.04 -7.37
N VAL C 51 15.99 6.61 -8.28
CA VAL C 51 16.08 6.28 -9.70
C VAL C 51 17.48 6.55 -10.25
N VAL C 52 18.01 7.73 -9.93
CA VAL C 52 19.35 8.12 -10.38
C VAL C 52 20.43 7.15 -9.89
N ILE C 53 20.44 6.90 -8.58
CA ILE C 53 21.45 6.04 -7.99
C ILE C 53 21.28 4.57 -8.40
N ALA C 54 20.03 4.14 -8.56
CA ALA C 54 19.77 2.77 -9.00
C ALA C 54 20.28 2.51 -10.41
N CYS C 55 20.25 3.53 -11.25
CA CYS C 55 20.70 3.41 -12.63
C CYS C 55 22.21 3.60 -12.76
N TRP C 56 22.80 4.32 -11.81
CA TRP C 56 24.24 4.59 -11.86
C TRP C 56 25.06 3.46 -11.24
N LEU C 57 24.39 2.60 -10.46
CA LEU C 57 25.05 1.46 -9.86
C LEU C 57 24.98 0.23 -10.78
N ASP C 58 26.07 -0.53 -10.84
CA ASP C 58 26.13 -1.73 -11.65
C ASP C 58 25.43 -2.89 -10.96
N VAL C 59 24.11 -2.92 -11.07
CA VAL C 59 23.30 -3.97 -10.46
C VAL C 59 22.42 -4.64 -11.50
N ASP C 60 21.82 -5.77 -11.13
CA ASP C 60 20.93 -6.49 -12.03
C ASP C 60 19.53 -5.87 -12.05
N ALA C 61 18.67 -6.38 -12.93
CA ALA C 61 17.34 -5.83 -13.14
C ALA C 61 16.48 -5.82 -11.88
N CYS C 62 16.38 -6.98 -11.23
CA CYS C 62 15.57 -7.13 -10.03
C CYS C 62 16.01 -6.17 -8.93
N THR C 63 17.32 -6.01 -8.78
CA THR C 63 17.86 -5.09 -7.78
C THR C 63 17.49 -3.65 -8.06
N ARG C 64 17.59 -3.26 -9.33
CA ARG C 64 17.26 -1.90 -9.74
C ARG C 64 15.78 -1.59 -9.50
N VAL C 65 14.92 -2.57 -9.79
CA VAL C 65 13.49 -2.43 -9.57
C VAL C 65 13.17 -2.30 -8.08
N LEU C 66 13.85 -3.11 -7.27
CA LEU C 66 13.62 -3.10 -5.82
C LEU C 66 14.04 -1.78 -5.17
N LEU C 67 15.11 -1.17 -5.69
CA LEU C 67 15.59 0.10 -5.16
C LEU C 67 14.62 1.23 -5.49
N ILE C 68 13.99 1.15 -6.65
CA ILE C 68 13.08 2.18 -7.12
C ILE C 68 11.69 2.03 -6.51
N SER C 69 11.09 0.86 -6.67
CA SER C 69 9.72 0.62 -6.22
C SER C 69 9.54 0.75 -4.72
N SER C 70 10.58 0.43 -3.95
CA SER C 70 10.51 0.52 -2.49
C SER C 70 10.40 1.97 -2.04
N VAL C 71 11.00 2.88 -2.80
CA VAL C 71 10.94 4.30 -2.49
C VAL C 71 9.64 4.90 -2.98
N MET C 72 9.20 4.48 -4.16
CA MET C 72 7.93 4.94 -4.72
C MET C 72 6.75 4.45 -3.88
N LEU C 73 6.94 3.33 -3.19
CA LEU C 73 5.93 2.82 -2.27
C LEU C 73 5.69 3.81 -1.13
N VAL C 74 6.78 4.37 -0.60
CA VAL C 74 6.72 5.37 0.44
C VAL C 74 5.89 6.57 0.00
N MET C 75 6.05 6.96 -1.27
N MET C 75 6.05 6.96 -1.27
CA MET C 75 5.28 8.06 -1.84
CA MET C 75 5.28 8.06 -1.84
C MET C 75 3.81 7.68 -1.96
C MET C 75 3.80 7.69 -1.99
N ILE C 76 3.55 6.46 -2.42
CA ILE C 76 2.19 5.96 -2.60
C ILE C 76 1.42 5.98 -1.29
N VAL C 77 2.06 5.47 -0.24
CA VAL C 77 1.45 5.44 1.09
C VAL C 77 1.23 6.86 1.61
N GLU C 78 2.20 7.73 1.35
CA GLU C 78 2.11 9.13 1.76
C GLU C 78 0.91 9.82 1.13
N LEU C 79 0.65 9.52 -0.13
CA LEU C 79 -0.48 10.07 -0.85
C LEU C 79 -1.81 9.59 -0.24
N LEU C 80 -1.86 8.30 0.10
CA LEU C 80 -3.04 7.73 0.72
C LEU C 80 -3.25 8.27 2.12
N ASN C 81 -2.14 8.50 2.82
CA ASN C 81 -2.18 9.08 4.17
C ASN C 81 -2.76 10.48 4.15
N SER C 82 -2.34 11.28 3.17
CA SER C 82 -2.81 12.64 3.02
C SER C 82 -4.30 12.67 2.66
N ALA C 83 -4.73 11.69 1.87
CA ALA C 83 -6.13 11.59 1.47
C ALA C 83 -7.02 11.31 2.69
N ILE C 84 -6.55 10.43 3.56
CA ILE C 84 -7.28 10.09 4.77
C ILE C 84 -7.38 11.29 5.70
N GLU C 85 -6.29 12.04 5.82
CA GLU C 85 -6.26 13.25 6.63
C GLU C 85 -7.25 14.29 6.10
N ALA C 86 -7.39 14.35 4.77
CA ALA C 86 -8.30 15.29 4.14
C ALA C 86 -9.74 15.01 4.52
N VAL C 87 -10.12 13.74 4.51
CA VAL C 87 -11.46 13.32 4.89
C VAL C 87 -11.73 13.69 6.34
N VAL C 88 -10.77 13.41 7.21
CA VAL C 88 -10.87 13.73 8.63
C VAL C 88 -11.09 15.22 8.86
N ASP C 89 -10.29 16.04 8.19
CA ASP C 89 -10.42 17.49 8.29
C ASP C 89 -11.78 17.96 7.81
N ARG C 90 -12.32 17.28 6.80
CA ARG C 90 -13.63 17.64 6.24
C ARG C 90 -14.77 17.28 7.18
N ILE C 91 -14.63 16.17 7.90
CA ILE C 91 -15.61 15.80 8.92
C ILE C 91 -15.66 16.89 9.98
N GLY C 92 -14.51 17.53 10.19
CA GLY C 92 -14.42 18.64 11.11
C GLY C 92 -13.03 18.79 11.68
N SER C 93 -12.64 20.03 11.97
CA SER C 93 -11.37 20.31 12.63
C SER C 93 -11.50 20.06 14.13
N GLU C 94 -12.69 19.62 14.54
CA GLU C 94 -12.98 19.31 15.93
C GLU C 94 -12.13 18.14 16.41
N TYR C 95 -11.64 18.25 17.64
CA TYR C 95 -10.81 17.21 18.23
C TYR C 95 -11.66 16.02 18.69
N HIS C 96 -11.53 14.90 18.02
CA HIS C 96 -12.18 13.67 18.44
C HIS C 96 -11.15 12.53 18.50
N GLU C 97 -11.47 11.49 19.27
CA GLU C 97 -10.56 10.37 19.46
C GLU C 97 -10.34 9.60 18.16
N LEU C 98 -11.40 9.43 17.38
CA LEU C 98 -11.33 8.65 16.15
C LEU C 98 -10.73 9.45 15.00
N SER C 99 -10.82 10.78 15.08
CA SER C 99 -10.22 11.66 14.08
C SER C 99 -8.70 11.59 14.17
N GLY C 100 -8.18 11.61 15.39
CA GLY C 100 -6.75 11.55 15.62
C GLY C 100 -6.20 10.15 15.47
N ARG C 101 -7.05 9.15 15.73
CA ARG C 101 -6.65 7.76 15.57
C ARG C 101 -6.43 7.45 14.10
N ALA C 102 -7.32 7.93 13.25
CA ALA C 102 -7.22 7.72 11.81
C ALA C 102 -5.95 8.34 11.24
N LYS C 103 -5.58 9.51 11.75
CA LYS C 103 -4.37 10.19 11.30
C LYS C 103 -3.11 9.49 11.80
N ASP C 104 -3.17 8.98 13.03
CA ASP C 104 -2.04 8.26 13.60
C ASP C 104 -1.83 6.92 12.89
N LEU C 105 -2.93 6.27 12.56
CA LEU C 105 -2.88 5.01 11.82
C LEU C 105 -2.28 5.19 10.44
N GLY C 106 -2.67 6.28 9.77
CA GLY C 106 -2.12 6.62 8.48
C GLY C 106 -0.64 6.96 8.58
N SER C 107 -0.30 7.72 9.61
CA SER C 107 1.08 8.12 9.85
C SER C 107 1.96 6.91 10.15
N ALA C 108 1.35 5.89 10.76
CA ALA C 108 2.07 4.66 11.10
C ALA C 108 2.38 3.83 9.86
N ALA C 109 1.47 3.85 8.89
CA ALA C 109 1.65 3.09 7.65
C ALA C 109 2.81 3.65 6.84
N VAL C 110 2.95 4.96 6.84
CA VAL C 110 4.05 5.62 6.14
C VAL C 110 5.38 5.22 6.77
N LEU C 111 5.37 5.01 8.09
CA LEU C 111 6.57 4.61 8.81
C LEU C 111 7.05 3.23 8.35
N ILE C 112 6.13 2.28 8.29
CA ILE C 112 6.45 0.91 7.89
C ILE C 112 6.99 0.86 6.46
N ALA C 113 6.44 1.72 5.60
CA ALA C 113 6.91 1.81 4.22
C ALA C 113 8.35 2.29 4.16
N ILE C 114 8.69 3.24 5.03
CA ILE C 114 10.04 3.76 5.12
C ILE C 114 10.99 2.70 5.69
N ILE C 115 10.55 2.05 6.76
CA ILE C 115 11.31 0.95 7.35
C ILE C 115 11.59 -0.12 6.30
N ASP C 116 10.56 -0.47 5.54
CA ASP C 116 10.69 -1.43 4.45
C ASP C 116 11.70 -0.94 3.41
N ALA C 117 11.66 0.36 3.11
CA ALA C 117 12.57 0.95 2.13
C ALA C 117 14.01 0.92 2.64
N VAL C 118 14.20 1.25 3.91
CA VAL C 118 15.53 1.23 4.52
C VAL C 118 16.12 -0.18 4.54
N ILE C 119 15.30 -1.14 4.97
CA ILE C 119 15.70 -2.54 4.98
C ILE C 119 16.06 -3.03 3.57
N THR C 120 15.23 -2.65 2.61
CA THR C 120 15.45 -3.02 1.21
C THR C 120 16.81 -2.54 0.69
N TRP C 121 17.08 -1.26 0.87
CA TRP C 121 18.34 -0.67 0.40
C TRP C 121 19.55 -1.26 1.12
N CYS C 122 19.38 -1.59 2.39
CA CYS C 122 20.47 -2.17 3.17
C CYS C 122 20.89 -3.53 2.64
N ILE C 123 19.94 -4.47 2.58
CA ILE C 123 20.20 -5.83 2.12
C ILE C 123 20.83 -5.86 0.73
N LEU C 124 20.31 -5.03 -0.16
CA LEU C 124 20.82 -4.98 -1.54
C LEU C 124 22.22 -4.38 -1.61
N LEU C 125 22.46 -3.30 -0.86
CA LEU C 125 23.74 -2.61 -0.90
C LEU C 125 24.81 -3.30 -0.05
N TRP C 126 24.38 -4.00 0.99
CA TRP C 126 25.31 -4.77 1.83
C TRP C 126 25.93 -5.88 0.98
N SER C 127 25.12 -6.42 0.08
CA SER C 127 25.58 -7.44 -0.86
C SER C 127 26.17 -6.77 -2.10
N HIS C 128 27.17 -5.93 -1.89
CA HIS C 128 27.78 -5.17 -2.98
C HIS C 128 29.17 -4.67 -2.60
C18 OLC D . 7.06 -20.26 6.10
C10 OLC D . 0.11 -17.81 6.26
C9 OLC D . -0.95 -18.00 5.50
C17 OLC D . 6.81 -19.04 6.95
C11 OLC D . 0.11 -17.38 7.69
C8 OLC D . -2.37 -17.83 5.92
C24 OLC D . -9.18 -7.66 6.70
C16 OLC D . 5.40 -18.98 7.48
C12 OLC D . 1.26 -17.92 8.54
C7 OLC D . -3.15 -16.82 5.07
C15 OLC D . 5.14 -17.83 8.44
C13 OLC D . 2.65 -17.59 8.02
C6 OLC D . -4.59 -16.61 5.52
C14 OLC D . 3.74 -17.84 9.04
C5 OLC D . -5.32 -15.50 4.77
C4 OLC D . -6.70 -15.17 5.34
C3 OLC D . -7.31 -13.91 4.76
C2 OLC D . -8.63 -13.53 5.44
C21 OLC D . -9.20 -9.88 5.53
C1 OLC D . -9.15 -12.19 4.99
C22 OLC D . -8.65 -9.07 6.68
O19 OLC D . -9.87 -12.01 4.04
O25 OLC D . -8.66 -6.94 7.80
O23 OLC D . -8.96 -9.73 7.91
O20 OLC D . -8.73 -11.22 5.80
C18 OLC E . 4.57 -23.17 0.00
C10 OLC E . 3.41 -14.99 4.31
C9 OLC E . 2.79 -14.14 5.10
C17 OLC E . 4.80 -23.33 1.49
C11 OLC E . 2.86 -16.27 3.77
C8 OLC E . 1.40 -14.29 5.64
C24 OLC E . -7.31 -16.38 12.69
C16 OLC E . 5.20 -22.05 2.19
C12 OLC E . 3.93 -17.36 3.67
C7 OLC E . 0.55 -13.03 5.44
C15 OLC E . 4.13 -20.97 2.21
C13 OLC E . 3.46 -18.64 3.02
C6 OLC E . -0.84 -13.16 6.01
C14 OLC E . 4.55 -19.70 2.91
C5 OLC E . -0.88 -13.43 7.51
C4 OLC E . -2.27 -13.66 8.06
C3 OLC E . -2.31 -13.75 9.57
C2 OLC E . -3.71 -13.96 10.13
C21 OLC E . -5.30 -17.06 11.36
C1 OLC E . -4.14 -15.40 10.12
C22 OLC E . -5.97 -17.07 12.72
O19 OLC E . -3.85 -16.20 9.27
O25 OLC E . -7.85 -16.27 14.01
O23 OLC E . -6.11 -18.41 13.18
O20 OLC E . -4.88 -15.68 11.19
ZN ZN F . -0.62 15.63 6.35
ZN ZN G . -0.95 13.02 9.44
PG ACP H . 0.40 17.79 6.83
O1G ACP H . -1.06 17.73 6.48
O2G ACP H . 1.18 16.57 6.30
O3G ACP H . 1.09 19.06 6.30
PB ACP H . 0.46 16.18 9.44
O1B ACP H . 0.18 14.96 8.57
O2B ACP H . 1.83 16.01 10.14
C3B ACP H . 0.64 17.77 8.62
PA ACP H . -1.94 15.67 10.94
O1A ACP H . -1.47 14.21 11.05
O2A ACP H . -3.05 15.92 9.99
O3A ACP H . -0.58 16.45 10.61
O5' ACP H . -2.22 16.19 12.40
C5' ACP H . -1.13 16.14 13.33
C4' ACP H . -1.51 15.23 14.48
O4' ACP H . -2.43 15.92 15.36
C3' ACP H . -2.22 13.94 14.09
O3' ACP H . -1.30 12.91 13.79
C2' ACP H . -3.06 13.64 15.34
O2' ACP H . -2.27 13.01 16.34
C1' ACP H . -3.47 15.05 15.76
N9 ACP H . -4.71 15.52 15.16
C8 ACP H . -4.85 16.24 14.01
N7 ACP H . -6.10 16.54 13.71
C5 ACP H . -6.83 15.96 14.74
C6 ACP H . -8.21 15.92 15.00
N6 ACP H . -9.14 16.47 14.23
N1 ACP H . -8.60 15.26 16.12
C2 ACP H . -7.68 14.70 16.90
N3 ACP H . -6.35 14.67 16.74
C4 ACP H . -5.99 15.33 15.63
#